data_7U34
#
_entry.id   7U34
#
_cell.length_a   84.452
_cell.length_b   84.452
_cell.length_c   232.024
_cell.angle_alpha   90.000
_cell.angle_beta   90.000
_cell.angle_gamma   90.000
#
_symmetry.space_group_name_H-M   'P 43 21 2'
#
loop_
_entity.id
_entity.type
_entity.pdbx_description
1 polymer 'Glucose-6-phosphate isomerase'
2 non-polymer GLYCEROL
3 non-polymer 'CITRATE ANION'
4 non-polymer 'CHLORIDE ION'
5 non-polymer 'SODIUM ION'
6 water water
#
_entity_poly.entity_id   1
_entity_poly.type   'polypeptide(L)'
_entity_poly.pdbx_seq_one_letter_code
;GPLGSMPGFSQATELGAWKELQEHHNSLGRNIVLKEYFEKDPQRFEKFSRTFANPVDNTEILFDFSKNFLTEETLALLVK
LAREAGVEELRDAMFKGDPINFTEDRAVYHVALRNVTNEPMQVNGKSVVEDVNSVLEHMKEFTEQVRSGEWKGYTGKKIT
TIINIGIGGSDLGPVMVTEALKPYGAEDMTLHFVSNIDGSHIAEALKHSDPETTLFLIASKTFTTAETTTNANSAKKWFL
ESAKDEAHIAKHFVALSTNEEEVTKFGIDKKNMFGFASWVGGRYSVWSAIGLSVALYIGFDNFHQFLAGAHAMDKHFRET
PLEQNIPVLGGLLSVWYSDFFGAQTHLVAPFDQYLHRFPAYLQQLSMESNGKAITRTGEYVKYTTGPILFGEPATNAQHS
FFQLLHQGTKLIPSDFIMAAESHNPVEGGKHQRMLASNFLAQSEALMVGKTPEQVKTEGAPDNLVPHKTFLGNRPTTSIL
AQKITPSTLGALIAYYEHLTFTEGAVWNINSFDQWGVELGKVLAKKIQKELETPGAGGDHDASTSGLLLAFKKKANLA
;
_entity_poly.pdbx_strand_id   A
#
# COMPACT_ATOMS: atom_id res chain seq x y z
N PRO A 2 22.95 20.52 5.62
CA PRO A 2 21.72 20.54 6.42
C PRO A 2 20.57 21.21 5.66
N LEU A 3 20.57 22.54 5.51
CA LEU A 3 19.49 23.21 4.79
C LEU A 3 19.79 23.21 3.29
N GLY A 4 18.76 23.28 2.49
CA GLY A 4 18.85 23.15 1.05
C GLY A 4 18.15 24.30 0.34
N SER A 5 17.71 24.03 -0.89
CA SER A 5 17.15 25.06 -1.75
C SER A 5 15.66 25.25 -1.52
N MET A 6 15.19 26.43 -1.89
CA MET A 6 13.78 26.73 -2.07
C MET A 6 13.18 25.72 -3.05
N PRO A 7 11.91 25.38 -2.85
CA PRO A 7 11.23 24.49 -3.81
C PRO A 7 11.21 25.09 -5.20
N GLY A 8 11.13 24.21 -6.19
CA GLY A 8 11.10 24.66 -7.57
C GLY A 8 9.84 25.40 -7.96
N PHE A 9 8.73 25.09 -7.31
CA PHE A 9 7.49 25.79 -7.60
C PHE A 9 6.64 25.76 -6.34
N SER A 10 5.54 26.48 -6.38
CA SER A 10 4.64 26.62 -5.24
C SER A 10 3.35 25.83 -5.44
N GLN A 11 2.51 26.25 -6.38
CA GLN A 11 1.23 25.63 -6.71
C GLN A 11 1.33 24.96 -8.06
N ALA A 12 0.84 23.72 -8.18
CA ALA A 12 0.88 23.06 -9.48
C ALA A 12 0.13 23.88 -10.53
N THR A 13 -0.94 24.56 -10.13
CA THR A 13 -1.73 25.34 -11.08
C THR A 13 -0.96 26.51 -11.68
N GLU A 14 0.17 26.90 -11.11
CA GLU A 14 0.96 27.98 -11.66
C GLU A 14 1.91 27.51 -12.77
N LEU A 15 2.09 26.20 -12.96
CA LEU A 15 3.01 25.72 -14.00
C LEU A 15 2.37 25.86 -15.37
N GLY A 16 3.19 26.25 -16.36
CA GLY A 16 2.64 26.47 -17.68
C GLY A 16 2.04 25.21 -18.28
N ALA A 17 2.66 24.06 -18.02
CA ALA A 17 2.11 22.81 -18.53
C ALA A 17 0.76 22.49 -17.92
N TRP A 18 0.52 22.89 -16.67
CA TRP A 18 -0.79 22.68 -16.09
C TRP A 18 -1.83 23.48 -16.86
N LYS A 19 -1.50 24.73 -17.17
CA LYS A 19 -2.42 25.58 -17.93
CA LYS A 19 -2.44 25.56 -17.91
C LYS A 19 -2.68 24.99 -19.30
N GLU A 20 -1.64 24.46 -19.96
CA GLU A 20 -1.83 23.81 -21.25
C GLU A 20 -2.73 22.58 -21.13
N LEU A 21 -2.61 21.85 -20.02
CA LEU A 21 -3.46 20.67 -19.82
C LEU A 21 -4.91 21.09 -19.64
N GLN A 22 -5.13 22.23 -19.01
CA GLN A 22 -6.50 22.70 -18.86
C GLN A 22 -7.09 23.05 -20.21
N GLU A 23 -6.30 23.74 -21.04
CA GLU A 23 -6.77 24.09 -22.37
C GLU A 23 -6.98 22.83 -23.21
N HIS A 24 -6.11 21.83 -23.02
CA HIS A 24 -6.25 20.56 -23.73
C HIS A 24 -7.51 19.84 -23.30
N HIS A 25 -7.75 19.78 -21.99
CA HIS A 25 -9.00 19.23 -21.47
C HIS A 25 -10.20 19.94 -22.06
N ASN A 26 -10.17 21.27 -22.08
CA ASN A 26 -11.35 22.03 -22.48
C ASN A 26 -11.70 21.75 -23.94
N SER A 27 -10.69 21.60 -24.76
CA SER A 27 -10.90 21.51 -26.19
C SER A 27 -10.99 20.09 -26.71
N LEU A 28 -10.37 19.14 -26.04
CA LEU A 28 -10.23 17.81 -26.60
C LEU A 28 -10.42 16.74 -25.55
N GLY A 29 -9.68 16.84 -24.45
CA GLY A 29 -9.67 15.77 -23.47
C GLY A 29 -11.06 15.41 -22.99
N ARG A 30 -11.90 16.41 -22.74
CA ARG A 30 -13.23 16.13 -22.24
C ARG A 30 -14.13 15.48 -23.27
N ASN A 31 -13.73 15.47 -24.55
CA ASN A 31 -14.52 14.87 -25.62
C ASN A 31 -13.99 13.51 -26.06
N ILE A 32 -12.96 12.99 -25.40
CA ILE A 32 -12.41 11.70 -25.77
C ILE A 32 -13.50 10.65 -25.59
N VAL A 33 -13.75 9.88 -26.65
CA VAL A 33 -14.59 8.68 -26.58
C VAL A 33 -13.68 7.51 -26.94
N LEU A 34 -13.39 6.69 -25.94
CA LEU A 34 -12.40 5.63 -26.13
C LEU A 34 -12.72 4.76 -27.36
N LYS A 35 -13.96 4.34 -27.55
CA LYS A 35 -14.16 3.37 -28.64
C LYS A 35 -13.88 4.01 -30.00
N GLU A 36 -14.10 5.34 -30.12
CA GLU A 36 -13.76 6.06 -31.34
C GLU A 36 -12.25 6.11 -31.58
N TYR A 37 -11.46 6.33 -30.52
CA TYR A 37 -10.02 6.37 -30.67
C TYR A 37 -9.47 5.02 -31.05
N PHE A 38 -10.05 3.94 -30.50
CA PHE A 38 -9.59 2.62 -30.89
C PHE A 38 -9.99 2.30 -32.34
N GLU A 39 -11.18 2.72 -32.76
CA GLU A 39 -11.61 2.51 -34.14
C GLU A 39 -10.69 3.19 -35.11
N LYS A 40 -10.21 4.37 -34.75
CA LYS A 40 -9.40 5.18 -35.66
CA LYS A 40 -9.40 5.19 -35.66
C LYS A 40 -7.92 4.91 -35.56
N ASP A 41 -7.45 4.21 -34.52
CA ASP A 41 -6.02 4.04 -34.33
C ASP A 41 -5.73 2.59 -33.95
N PRO A 42 -5.46 1.74 -34.95
CA PRO A 42 -5.16 0.34 -34.64
C PRO A 42 -3.87 0.16 -33.87
N GLN A 43 -3.02 1.17 -33.79
CA GLN A 43 -1.78 1.08 -33.03
C GLN A 43 -1.90 1.64 -31.62
N ARG A 44 -3.12 1.90 -31.16
CA ARG A 44 -3.30 2.55 -29.87
C ARG A 44 -2.78 1.69 -28.73
N PHE A 45 -3.00 0.37 -28.80
CA PHE A 45 -2.49 -0.47 -27.72
C PHE A 45 -0.97 -0.47 -27.69
N GLU A 46 -0.30 -0.50 -28.86
CA GLU A 46 1.16 -0.43 -28.88
C GLU A 46 1.66 0.89 -28.32
N LYS A 47 0.99 2.00 -28.66
CA LYS A 47 1.44 3.32 -28.24
C LYS A 47 1.44 3.47 -26.72
N PHE A 48 0.42 2.91 -26.06
CA PHE A 48 0.17 3.23 -24.66
C PHE A 48 0.25 2.03 -23.74
N SER A 49 0.90 0.97 -24.19
CA SER A 49 1.27 -0.12 -23.28
C SER A 49 2.77 -0.11 -23.03
N ARG A 50 3.15 -0.70 -21.92
CA ARG A 50 4.54 -0.72 -21.49
C ARG A 50 4.82 -2.09 -20.90
N THR A 51 6.05 -2.56 -21.07
CA THR A 51 6.46 -3.85 -20.55
C THR A 51 7.62 -3.70 -19.56
N PHE A 52 7.46 -4.30 -18.38
CA PHE A 52 8.48 -4.28 -17.33
C PHE A 52 9.05 -5.67 -17.20
N ALA A 53 10.36 -5.79 -17.35
CA ALA A 53 11.05 -7.05 -17.16
C ALA A 53 11.43 -7.24 -15.70
N ASN A 54 10.96 -8.34 -15.11
CA ASN A 54 11.37 -8.76 -13.76
C ASN A 54 12.56 -9.68 -13.92
N PRO A 55 13.78 -9.19 -13.61
CA PRO A 55 14.97 -10.01 -13.78
C PRO A 55 15.17 -11.03 -12.69
N VAL A 56 14.36 -10.97 -11.64
CA VAL A 56 14.49 -11.92 -10.55
C VAL A 56 13.84 -13.24 -10.92
N ASP A 57 12.60 -13.22 -11.39
CA ASP A 57 11.94 -14.45 -11.80
C ASP A 57 11.92 -14.58 -13.32
N ASN A 58 12.62 -13.70 -14.02
CA ASN A 58 12.75 -13.73 -15.47
C ASN A 58 11.39 -13.84 -16.16
N THR A 59 10.53 -12.88 -15.86
CA THR A 59 9.22 -12.77 -16.49
C THR A 59 9.02 -11.32 -16.90
N GLU A 60 7.87 -11.04 -17.50
CA GLU A 60 7.51 -9.69 -17.91
C GLU A 60 6.14 -9.36 -17.38
N ILE A 61 5.96 -8.12 -16.94
CA ILE A 61 4.66 -7.60 -16.51
C ILE A 61 4.24 -6.58 -17.57
N LEU A 62 3.07 -6.80 -18.15
CA LEU A 62 2.50 -5.89 -19.14
C LEU A 62 1.61 -4.88 -18.43
N PHE A 63 1.89 -3.58 -18.65
CA PHE A 63 1.09 -2.45 -18.16
C PHE A 63 0.41 -1.81 -19.36
N ASP A 64 -0.89 -1.98 -19.49
CA ASP A 64 -1.65 -1.44 -20.61
C ASP A 64 -2.42 -0.21 -20.13
N PHE A 65 -1.98 0.96 -20.57
CA PHE A 65 -2.66 2.21 -20.24
C PHE A 65 -3.56 2.72 -21.36
N SER A 66 -3.76 1.94 -22.44
CA SER A 66 -4.38 2.47 -23.64
C SER A 66 -5.90 2.66 -23.53
N LYS A 67 -6.56 2.05 -22.54
CA LYS A 67 -7.97 2.32 -22.29
C LYS A 67 -8.17 3.51 -21.34
N ASN A 68 -7.18 4.39 -21.23
CA ASN A 68 -7.31 5.64 -20.48
C ASN A 68 -7.56 6.81 -21.42
N PHE A 69 -8.00 7.94 -20.84
CA PHE A 69 -8.26 9.18 -21.56
C PHE A 69 -6.95 9.85 -21.97
N LEU A 70 -6.28 9.26 -22.96
CA LEU A 70 -4.95 9.65 -23.38
C LEU A 70 -4.90 9.72 -24.90
N THR A 71 -4.34 10.80 -25.42
CA THR A 71 -3.83 10.86 -26.79
C THR A 71 -2.32 11.08 -26.72
N GLU A 72 -1.64 11.01 -27.86
CA GLU A 72 -0.21 11.29 -27.86
C GLU A 72 0.04 12.69 -27.32
N GLU A 73 -0.83 13.63 -27.66
CA GLU A 73 -0.69 14.99 -27.17
C GLU A 73 -0.90 15.06 -25.66
N THR A 74 -1.95 14.40 -25.16
CA THR A 74 -2.14 14.33 -23.71
C THR A 74 -0.89 13.82 -23.00
N LEU A 75 -0.32 12.74 -23.52
CA LEU A 75 0.85 12.18 -22.87
C LEU A 75 2.00 13.16 -22.88
N ALA A 76 2.23 13.81 -24.02
CA ALA A 76 3.29 14.81 -24.11
C ALA A 76 3.13 15.91 -23.06
N LEU A 77 1.90 16.38 -22.86
CA LEU A 77 1.67 17.46 -21.90
C LEU A 77 1.84 16.99 -20.46
N LEU A 78 1.40 15.77 -20.16
CA LEU A 78 1.57 15.24 -18.80
C LEU A 78 3.04 15.03 -18.47
N VAL A 79 3.82 14.55 -19.42
CA VAL A 79 5.25 14.40 -19.20
CA VAL A 79 5.24 14.40 -19.15
C VAL A 79 5.88 15.77 -19.03
N LYS A 80 5.40 16.76 -19.79
CA LYS A 80 5.89 18.12 -19.64
C LYS A 80 5.60 18.64 -18.23
N LEU A 81 4.38 18.40 -17.74
CA LEU A 81 4.05 18.77 -16.37
C LEU A 81 5.00 18.10 -15.37
N ALA A 82 5.28 16.81 -15.54
CA ALA A 82 6.22 16.14 -14.64
C ALA A 82 7.58 16.85 -14.66
N ARG A 83 8.05 17.24 -15.84
CA ARG A 83 9.33 17.94 -15.90
C ARG A 83 9.25 19.31 -15.25
N GLU A 84 8.19 20.06 -15.51
CA GLU A 84 8.06 21.36 -14.85
C GLU A 84 7.92 21.23 -13.34
N ALA A 85 7.34 20.12 -12.85
CA ALA A 85 7.22 19.91 -11.41
C ALA A 85 8.46 19.28 -10.80
N GLY A 86 9.45 18.95 -11.61
CA GLY A 86 10.69 18.43 -11.09
C GLY A 86 10.60 17.04 -10.54
N VAL A 87 9.77 16.19 -11.14
CA VAL A 87 9.60 14.83 -10.64
C VAL A 87 10.94 14.09 -10.59
N GLU A 88 11.73 14.22 -11.65
CA GLU A 88 12.99 13.48 -11.70
C GLU A 88 13.96 14.02 -10.67
N GLU A 89 13.98 15.34 -10.46
CA GLU A 89 14.87 15.95 -9.48
C GLU A 89 14.52 15.49 -8.06
N LEU A 90 13.22 15.52 -7.70
CA LEU A 90 12.82 15.05 -6.38
C LEU A 90 13.13 13.58 -6.21
N ARG A 91 12.86 12.78 -7.24
CA ARG A 91 13.21 11.36 -7.21
C ARG A 91 14.69 11.16 -6.96
N ASP A 92 15.52 11.88 -7.70
CA ASP A 92 16.96 11.75 -7.53
C ASP A 92 17.37 12.17 -6.12
N ALA A 93 16.74 13.23 -5.61
CA ALA A 93 16.98 13.62 -4.23
C ALA A 93 16.65 12.50 -3.29
N MET A 94 15.53 11.79 -3.53
CA MET A 94 15.16 10.76 -2.58
C MET A 94 16.19 9.63 -2.60
N PHE A 95 16.68 9.26 -3.79
CA PHE A 95 17.64 8.17 -3.91
C PHE A 95 19.03 8.56 -3.36
N LYS A 96 19.37 9.85 -3.42
CA LYS A 96 20.59 10.39 -2.80
C LYS A 96 20.53 10.45 -1.28
N GLY A 97 19.37 10.27 -0.66
CA GLY A 97 19.24 10.40 0.78
C GLY A 97 19.04 11.82 1.29
N ASP A 98 18.74 12.77 0.41
CA ASP A 98 18.38 14.11 0.83
C ASP A 98 17.13 14.09 1.70
N PRO A 99 16.99 15.06 2.61
CA PRO A 99 15.85 15.12 3.54
C PRO A 99 14.58 15.69 2.88
N ILE A 100 14.09 14.97 1.87
CA ILE A 100 12.95 15.48 1.11
C ILE A 100 11.66 15.48 1.91
N ASN A 101 11.65 14.80 3.06
CA ASN A 101 10.52 14.92 3.98
C ASN A 101 10.72 16.22 4.74
N PHE A 102 10.21 17.30 4.15
CA PHE A 102 10.62 18.64 4.52
C PHE A 102 9.97 19.13 5.81
N THR A 103 8.87 18.51 6.23
CA THR A 103 8.26 18.92 7.50
C THR A 103 8.87 18.22 8.70
N GLU A 104 9.57 17.11 8.47
CA GLU A 104 10.20 16.38 9.56
C GLU A 104 11.71 16.39 9.47
N ASP A 105 12.28 17.08 8.46
CA ASP A 105 13.71 17.08 8.19
C ASP A 105 14.33 15.67 8.21
N ARG A 106 13.75 14.78 7.38
CA ARG A 106 14.15 13.39 7.34
C ARG A 106 14.34 12.96 5.90
N ALA A 107 15.30 12.05 5.70
CA ALA A 107 15.37 11.35 4.44
C ALA A 107 14.14 10.46 4.27
N VAL A 108 14.01 9.93 3.05
CA VAL A 108 12.91 9.03 2.67
C VAL A 108 13.58 7.88 1.94
N TYR A 109 13.84 6.79 2.65
CA TYR A 109 14.85 5.86 2.16
C TYR A 109 14.37 4.42 2.24
N HIS A 110 13.07 4.18 2.03
CA HIS A 110 12.65 2.79 1.85
C HIS A 110 13.38 2.12 0.69
N VAL A 111 13.84 2.89 -0.31
CA VAL A 111 14.56 2.29 -1.42
C VAL A 111 15.88 1.66 -0.97
N ALA A 112 16.47 2.16 0.12
CA ALA A 112 17.69 1.55 0.63
C ALA A 112 17.45 0.19 1.26
N LEU A 113 16.23 -0.07 1.72
CA LEU A 113 15.95 -1.34 2.38
C LEU A 113 16.10 -2.52 1.44
N ARG A 114 15.88 -2.29 0.15
CA ARG A 114 15.87 -3.34 -0.86
C ARG A 114 16.99 -3.11 -1.88
N ASN A 115 18.04 -2.42 -1.45
CA ASN A 115 19.24 -2.15 -2.24
C ASN A 115 20.08 -3.41 -2.33
N VAL A 116 19.52 -4.44 -2.98
CA VAL A 116 20.09 -5.78 -2.93
C VAL A 116 21.43 -5.88 -3.64
N THR A 117 21.76 -4.90 -4.49
CA THR A 117 23.05 -4.82 -5.16
C THR A 117 24.06 -4.01 -4.37
N ASN A 118 23.72 -3.59 -3.17
CA ASN A 118 24.61 -2.80 -2.34
C ASN A 118 25.24 -1.66 -3.11
N GLU A 119 24.41 -0.94 -3.86
CA GLU A 119 24.87 0.31 -4.43
C GLU A 119 25.09 1.31 -3.29
N PRO A 120 25.99 2.27 -3.46
CA PRO A 120 26.26 3.22 -2.37
C PRO A 120 25.04 4.04 -2.04
N MET A 121 24.66 4.02 -0.76
CA MET A 121 23.51 4.74 -0.27
C MET A 121 23.84 5.32 1.10
N GLN A 122 23.45 6.57 1.31
CA GLN A 122 23.90 7.32 2.48
C GLN A 122 22.83 8.32 2.89
N VAL A 123 22.78 8.58 4.19
CA VAL A 123 21.94 9.63 4.76
C VAL A 123 22.86 10.45 5.64
N ASN A 124 22.86 11.77 5.42
CA ASN A 124 23.69 12.65 6.25
C ASN A 124 25.16 12.30 6.06
N GLY A 125 25.52 11.92 4.83
CA GLY A 125 26.90 11.58 4.54
C GLY A 125 27.45 10.40 5.31
N LYS A 126 26.58 9.50 5.78
CA LYS A 126 27.00 8.23 6.35
C LYS A 126 26.28 7.11 5.63
N SER A 127 27.04 6.17 5.08
CA SER A 127 26.41 5.05 4.40
C SER A 127 25.45 4.32 5.32
N VAL A 128 24.32 3.89 4.75
CA VAL A 128 23.31 3.09 5.46
C VAL A 128 23.36 1.62 5.06
N VAL A 129 24.16 1.29 4.05
CA VAL A 129 24.09 -0.04 3.45
C VAL A 129 24.46 -1.11 4.47
N GLU A 130 25.52 -0.89 5.23
CA GLU A 130 25.97 -1.92 6.17
C GLU A 130 24.94 -2.17 7.26
N ASP A 131 24.32 -1.10 7.75
CA ASP A 131 23.31 -1.24 8.79
C ASP A 131 22.08 -1.95 8.26
N VAL A 132 21.62 -1.59 7.05
CA VAL A 132 20.51 -2.29 6.43
C VAL A 132 20.83 -3.77 6.32
N ASN A 133 22.04 -4.09 5.83
CA ASN A 133 22.43 -5.47 5.62
C ASN A 133 22.59 -6.23 6.93
N SER A 134 23.08 -5.54 7.97
CA SER A 134 23.20 -6.17 9.28
CA SER A 134 23.19 -6.17 9.28
C SER A 134 21.84 -6.62 9.80
N VAL A 135 20.81 -5.79 9.66
CA VAL A 135 19.49 -6.20 10.13
C VAL A 135 18.98 -7.38 9.33
N LEU A 136 19.14 -7.31 8.00
CA LEU A 136 18.69 -8.40 7.15
C LEU A 136 19.37 -9.70 7.53
N GLU A 137 20.69 -9.67 7.80
CA GLU A 137 21.39 -10.89 8.21
C GLU A 137 20.83 -11.41 9.51
N HIS A 138 20.55 -10.51 10.46
CA HIS A 138 19.92 -10.90 11.70
C HIS A 138 18.56 -11.54 11.43
N MET A 139 17.79 -10.93 10.53
CA MET A 139 16.48 -11.49 10.21
C MET A 139 16.63 -12.89 9.63
N LYS A 140 17.58 -13.04 8.70
CA LYS A 140 17.85 -14.35 8.11
C LYS A 140 18.14 -15.41 9.18
N GLU A 141 19.13 -15.13 10.04
CA GLU A 141 19.51 -16.09 11.08
C GLU A 141 18.31 -16.46 11.93
N PHE A 142 17.58 -15.44 12.42
CA PHE A 142 16.45 -15.70 13.30
C PHE A 142 15.41 -16.56 12.62
N THR A 143 15.08 -16.27 11.35
CA THR A 143 14.01 -17.01 10.70
C THR A 143 14.43 -18.45 10.46
N GLU A 144 15.71 -18.65 10.15
CA GLU A 144 16.23 -20.00 10.00
C GLU A 144 16.09 -20.77 11.30
N GLN A 145 16.47 -20.14 12.41
CA GLN A 145 16.33 -20.77 13.72
C GLN A 145 14.88 -21.14 14.02
N VAL A 146 13.95 -20.22 13.76
CA VAL A 146 12.55 -20.51 14.10
C VAL A 146 11.99 -21.59 13.17
N ARG A 147 12.26 -21.47 11.87
CA ARG A 147 11.65 -22.39 10.93
C ARG A 147 12.21 -23.81 11.09
N SER A 148 13.50 -23.90 11.43
CA SER A 148 14.15 -25.20 11.60
C SER A 148 13.76 -25.88 12.90
N GLY A 149 13.22 -25.15 13.86
CA GLY A 149 12.95 -25.71 15.17
C GLY A 149 14.09 -25.56 16.14
N GLU A 150 15.19 -24.96 15.73
CA GLU A 150 16.30 -24.71 16.64
C GLU A 150 15.87 -23.75 17.75
N TRP A 151 15.07 -22.75 17.41
CA TRP A 151 14.53 -21.84 18.40
C TRP A 151 13.36 -22.53 19.06
N LYS A 152 13.45 -22.76 20.35
CA LYS A 152 12.43 -23.52 21.05
C LYS A 152 11.78 -22.69 22.13
N GLY A 153 10.53 -23.02 22.40
CA GLY A 153 9.79 -22.37 23.46
C GLY A 153 10.32 -22.76 24.82
N TYR A 154 9.71 -22.16 25.84
CA TYR A 154 10.18 -22.32 27.22
C TYR A 154 9.98 -23.73 27.74
N THR A 155 9.20 -24.55 27.05
CA THR A 155 9.12 -25.98 27.35
C THR A 155 9.79 -26.82 26.27
N GLY A 156 10.61 -26.20 25.43
CA GLY A 156 11.41 -26.92 24.46
C GLY A 156 10.70 -27.34 23.19
N LYS A 157 9.52 -26.79 22.89
CA LYS A 157 8.81 -27.17 21.68
C LYS A 157 9.11 -26.22 20.53
N LYS A 158 8.94 -26.72 19.31
CA LYS A 158 9.06 -25.89 18.12
C LYS A 158 7.94 -24.85 18.08
N ILE A 159 8.28 -23.65 17.61
CA ILE A 159 7.28 -22.59 17.45
C ILE A 159 6.43 -22.89 16.22
N THR A 160 5.10 -22.91 16.41
CA THR A 160 4.14 -23.15 15.34
C THR A 160 3.16 -22.00 15.10
N THR A 161 3.08 -21.03 16.00
CA THR A 161 2.22 -19.86 15.87
C THR A 161 3.06 -18.61 15.96
N ILE A 162 2.89 -17.72 14.97
CA ILE A 162 3.47 -16.40 14.98
C ILE A 162 2.33 -15.38 15.15
N ILE A 163 2.45 -14.50 16.13
CA ILE A 163 1.45 -13.47 16.37
C ILE A 163 2.15 -12.13 16.27
N ASN A 164 1.86 -11.38 15.18
CA ASN A 164 2.37 -10.03 14.98
C ASN A 164 1.43 -9.03 15.64
N ILE A 165 1.98 -8.11 16.42
CA ILE A 165 1.19 -7.09 17.12
C ILE A 165 1.71 -5.73 16.67
N GLY A 166 0.86 -4.95 16.01
CA GLY A 166 1.26 -3.61 15.60
C GLY A 166 0.10 -2.93 14.89
N ILE A 167 0.25 -1.62 14.66
CA ILE A 167 -0.79 -0.81 14.04
C ILE A 167 -0.31 -0.28 12.70
N GLY A 168 -1.26 0.04 11.84
CA GLY A 168 -0.97 0.71 10.58
C GLY A 168 0.04 -0.02 9.75
N GLY A 169 1.11 0.70 9.39
CA GLY A 169 2.13 0.11 8.55
C GLY A 169 2.86 -1.05 9.17
N SER A 170 2.78 -1.22 10.50
CA SER A 170 3.34 -2.40 11.15
C SER A 170 2.44 -3.62 11.03
N ASP A 171 1.26 -3.48 10.43
CA ASP A 171 0.29 -4.55 10.29
C ASP A 171 -0.11 -4.79 8.84
N LEU A 172 -0.42 -3.74 8.07
CA LEU A 172 -1.11 -3.97 6.79
C LEU A 172 -0.22 -4.67 5.78
N GLY A 173 1.07 -4.34 5.75
CA GLY A 173 1.99 -4.96 4.81
C GLY A 173 2.21 -6.43 5.11
N PRO A 174 2.62 -6.73 6.35
CA PRO A 174 2.71 -8.15 6.76
C PRO A 174 1.46 -8.97 6.47
N VAL A 175 0.27 -8.46 6.79
CA VAL A 175 -0.97 -9.15 6.45
C VAL A 175 -1.08 -9.39 4.96
N MET A 176 -0.93 -8.33 4.18
CA MET A 176 -1.28 -8.43 2.77
C MET A 176 -0.26 -9.31 2.04
N VAL A 177 1.01 -9.22 2.44
CA VAL A 177 2.07 -9.96 1.75
C VAL A 177 2.00 -11.44 2.13
N THR A 178 1.78 -11.77 3.40
CA THR A 178 1.65 -13.17 3.76
C THR A 178 0.40 -13.79 3.12
N GLU A 179 -0.70 -13.05 3.06
CA GLU A 179 -1.85 -13.53 2.32
C GLU A 179 -1.54 -13.71 0.83
N ALA A 180 -0.85 -12.74 0.23
CA ALA A 180 -0.63 -12.78 -1.21
C ALA A 180 0.30 -13.92 -1.59
N LEU A 181 1.26 -14.24 -0.71
CA LEU A 181 2.32 -15.22 -0.99
C LEU A 181 2.10 -16.52 -0.22
N LYS A 182 0.87 -16.79 0.15
CA LYS A 182 0.51 -17.95 0.94
C LYS A 182 1.04 -19.25 0.34
N PRO A 183 1.09 -19.41 -0.98
CA PRO A 183 1.62 -20.68 -1.52
C PRO A 183 3.07 -20.94 -1.11
N TYR A 184 3.80 -19.91 -0.73
CA TYR A 184 5.17 -20.03 -0.27
C TYR A 184 5.30 -20.21 1.24
N GLY A 185 4.18 -20.25 1.96
CA GLY A 185 4.22 -20.24 3.41
C GLY A 185 4.41 -21.63 4.00
N ALA A 186 5.00 -21.67 5.20
CA ALA A 186 5.28 -22.91 5.89
C ALA A 186 3.99 -23.65 6.25
N GLU A 187 3.93 -24.93 5.91
CA GLU A 187 2.68 -25.66 6.05
C GLU A 187 2.27 -25.80 7.51
N ASP A 188 3.22 -25.80 8.43
CA ASP A 188 2.93 -26.04 9.83
C ASP A 188 2.77 -24.77 10.64
N MET A 189 2.87 -23.61 10.00
CA MET A 189 2.88 -22.33 10.67
C MET A 189 1.50 -21.67 10.60
N THR A 190 1.04 -21.16 11.73
CA THR A 190 -0.17 -20.35 11.81
C THR A 190 0.24 -18.92 12.16
N LEU A 191 -0.29 -17.95 11.41
CA LEU A 191 -0.04 -16.54 11.65
C LEU A 191 -1.31 -15.86 12.11
N HIS A 192 -1.19 -15.02 13.16
CA HIS A 192 -2.23 -14.09 13.57
C HIS A 192 -1.67 -12.67 13.52
N PHE A 193 -2.47 -11.73 13.01
CA PHE A 193 -2.07 -10.33 12.95
C PHE A 193 -3.04 -9.53 13.80
N VAL A 194 -2.56 -9.06 14.95
CA VAL A 194 -3.34 -8.32 15.91
C VAL A 194 -3.00 -6.85 15.75
N SER A 195 -4.02 -6.01 15.57
CA SER A 195 -3.75 -4.59 15.33
C SER A 195 -4.72 -3.66 16.03
N ASN A 196 -6.02 -3.99 15.97
CA ASN A 196 -7.04 -3.16 16.61
C ASN A 196 -6.85 -3.15 18.13
N ILE A 197 -7.11 -1.99 18.74
CA ILE A 197 -7.16 -1.91 20.20
C ILE A 197 -8.39 -2.65 20.73
N ASP A 198 -9.46 -2.74 19.94
CA ASP A 198 -10.61 -3.57 20.30
C ASP A 198 -10.15 -4.95 20.77
N GLY A 199 -10.45 -5.28 22.03
CA GLY A 199 -9.95 -6.49 22.65
C GLY A 199 -10.36 -7.77 21.95
N SER A 200 -11.39 -7.72 21.11
CA SER A 200 -11.75 -8.88 20.32
C SER A 200 -10.60 -9.36 19.48
N HIS A 201 -9.74 -8.46 19.04
CA HIS A 201 -8.69 -8.88 18.13
C HIS A 201 -7.67 -9.77 18.83
N ILE A 202 -7.09 -9.29 19.94
CA ILE A 202 -6.11 -10.12 20.63
CA ILE A 202 -6.11 -10.11 20.66
C ILE A 202 -6.78 -11.36 21.22
N ALA A 203 -8.03 -11.23 21.68
CA ALA A 203 -8.70 -12.37 22.31
C ALA A 203 -8.84 -13.53 21.34
N GLU A 204 -9.36 -13.28 20.13
CA GLU A 204 -9.50 -14.39 19.19
C GLU A 204 -8.15 -14.96 18.79
N ALA A 205 -7.11 -14.13 18.74
CA ALA A 205 -5.80 -14.64 18.39
C ALA A 205 -5.27 -15.58 19.47
N LEU A 206 -5.43 -15.20 20.72
CA LEU A 206 -4.94 -15.99 21.84
C LEU A 206 -5.81 -17.21 22.14
N LYS A 207 -7.11 -17.10 21.89
CA LYS A 207 -8.02 -18.22 22.14
C LYS A 207 -7.49 -19.50 21.54
N HIS A 208 -6.93 -19.43 20.34
CA HIS A 208 -6.51 -20.60 19.60
C HIS A 208 -5.00 -20.64 19.44
N SER A 209 -4.30 -20.43 20.54
CA SER A 209 -2.85 -20.42 20.56
C SER A 209 -2.40 -21.01 21.90
N ASP A 210 -1.24 -21.66 21.85
CA ASP A 210 -0.59 -22.27 23.00
C ASP A 210 0.63 -21.47 23.39
N PRO A 211 0.70 -20.94 24.60
CA PRO A 211 1.86 -20.14 24.98
C PRO A 211 3.16 -20.85 24.74
N GLU A 212 3.15 -22.19 24.79
CA GLU A 212 4.39 -22.96 24.66
C GLU A 212 4.91 -23.00 23.25
N THR A 213 4.05 -22.72 22.25
CA THR A 213 4.43 -22.77 20.85
C THR A 213 4.11 -21.48 20.06
N THR A 214 3.87 -20.37 20.77
CA THR A 214 3.53 -19.09 20.16
C THR A 214 4.67 -18.10 20.34
N LEU A 215 5.09 -17.49 19.24
CA LEU A 215 6.08 -16.42 19.23
C LEU A 215 5.41 -15.11 18.86
N PHE A 216 5.69 -14.06 19.64
CA PHE A 216 5.11 -12.74 19.44
C PHE A 216 6.14 -11.81 18.82
N LEU A 217 5.74 -11.11 17.77
CA LEU A 217 6.52 -10.03 17.19
C LEU A 217 5.84 -8.71 17.56
N ILE A 218 6.49 -7.90 18.39
CA ILE A 218 5.92 -6.62 18.83
C ILE A 218 6.53 -5.53 17.95
N ALA A 219 5.71 -4.99 17.05
CA ALA A 219 6.17 -4.10 15.99
C ALA A 219 5.82 -2.66 16.37
N SER A 220 6.85 -1.89 16.72
CA SER A 220 6.71 -0.48 17.08
C SER A 220 8.09 0.15 17.23
N LYS A 221 8.39 1.10 16.36
CA LYS A 221 9.68 1.77 16.41
C LYS A 221 9.99 2.30 17.81
N THR A 222 9.04 3.05 18.39
CA THR A 222 9.25 3.65 19.71
C THR A 222 9.09 2.65 20.85
N PHE A 223 8.35 1.57 20.60
CA PHE A 223 7.89 0.64 21.63
C PHE A 223 7.08 1.37 22.70
N THR A 224 6.51 2.53 22.35
CA THR A 224 5.57 3.23 23.22
C THR A 224 4.28 3.61 22.48
N THR A 225 4.01 3.00 21.33
CA THR A 225 2.73 3.20 20.63
C THR A 225 1.56 2.70 21.49
N ALA A 226 0.56 3.56 21.71
CA ALA A 226 -0.48 3.30 22.71
C ALA A 226 -1.18 1.94 22.51
N GLU A 227 -1.73 1.75 21.34
CA GLU A 227 -2.52 0.58 21.05
C GLU A 227 -1.68 -0.68 21.06
N THR A 228 -0.52 -0.61 20.41
CA THR A 228 0.37 -1.76 20.35
C THR A 228 0.89 -2.13 21.74
N THR A 229 1.22 -1.14 22.56
CA THR A 229 1.67 -1.41 23.92
C THR A 229 0.60 -2.11 24.73
N THR A 230 -0.66 -1.70 24.59
CA THR A 230 -1.72 -2.37 25.34
C THR A 230 -1.91 -3.81 24.86
N ASN A 231 -1.98 -4.02 23.55
CA ASN A 231 -2.07 -5.39 23.04
C ASN A 231 -0.87 -6.23 23.49
N ALA A 232 0.33 -5.66 23.41
CA ALA A 232 1.54 -6.39 23.81
C ALA A 232 1.49 -6.77 25.28
N ASN A 233 0.98 -5.87 26.14
CA ASN A 233 0.87 -6.16 27.55
C ASN A 233 -0.15 -7.25 27.80
N SER A 234 -1.27 -7.20 27.08
CA SER A 234 -2.28 -8.24 27.24
C SER A 234 -1.72 -9.58 26.82
N ALA A 235 -0.92 -9.60 25.75
CA ALA A 235 -0.30 -10.85 25.29
C ALA A 235 0.63 -11.41 26.35
N LYS A 236 1.43 -10.54 26.96
CA LYS A 236 2.38 -10.96 28.00
C LYS A 236 1.65 -11.53 29.22
N LYS A 237 0.60 -10.84 29.67
CA LYS A 237 -0.21 -11.33 30.77
C LYS A 237 -0.71 -12.74 30.51
N TRP A 238 -1.27 -12.97 29.32
CA TRP A 238 -1.72 -14.31 28.93
C TRP A 238 -0.58 -15.31 28.96
N PHE A 239 0.57 -14.91 28.43
CA PHE A 239 1.72 -15.80 28.37
C PHE A 239 2.15 -16.21 29.78
N LEU A 240 2.35 -15.23 30.65
CA LEU A 240 2.79 -15.53 32.02
C LEU A 240 1.76 -16.33 32.81
N GLU A 241 0.47 -16.13 32.55
CA GLU A 241 -0.52 -16.96 33.22
C GLU A 241 -0.19 -18.44 33.03
N SER A 242 0.51 -18.79 31.96
CA SER A 242 0.94 -20.17 31.73
C SER A 242 2.41 -20.38 32.07
N ALA A 243 3.30 -19.49 31.63
CA ALA A 243 4.73 -19.69 31.80
C ALA A 243 5.25 -19.26 33.16
N LYS A 244 4.49 -18.41 33.86
CA LYS A 244 4.80 -17.92 35.20
C LYS A 244 6.12 -17.16 35.33
N ASP A 245 7.23 -17.73 34.90
CA ASP A 245 8.52 -17.07 35.05
C ASP A 245 8.72 -16.05 33.95
N GLU A 246 8.95 -14.79 34.34
CA GLU A 246 9.18 -13.72 33.38
C GLU A 246 10.42 -13.98 32.55
N ALA A 247 11.28 -14.87 33.00
CA ALA A 247 12.46 -15.15 32.20
C ALA A 247 12.08 -15.83 30.89
N HIS A 248 10.92 -16.49 30.84
CA HIS A 248 10.54 -17.17 29.61
C HIS A 248 10.08 -16.22 28.53
N ILE A 249 9.76 -14.98 28.89
CA ILE A 249 9.39 -13.98 27.89
C ILE A 249 10.40 -13.94 26.77
N ALA A 250 11.68 -13.97 27.13
CA ALA A 250 12.72 -13.79 26.13
C ALA A 250 12.70 -14.85 25.04
N LYS A 251 12.03 -15.98 25.26
CA LYS A 251 11.95 -17.00 24.24
C LYS A 251 10.71 -16.86 23.37
N HIS A 252 9.78 -15.97 23.74
CA HIS A 252 8.50 -15.88 23.08
C HIS A 252 8.12 -14.49 22.60
N PHE A 253 8.96 -13.49 22.82
CA PHE A 253 8.70 -12.12 22.38
C PHE A 253 9.96 -11.54 21.77
N VAL A 254 9.85 -11.01 20.56
CA VAL A 254 10.91 -10.23 19.95
C VAL A 254 10.31 -8.89 19.57
N ALA A 255 11.18 -7.93 19.26
CA ALA A 255 10.77 -6.55 19.05
C ALA A 255 11.24 -6.09 17.68
N LEU A 256 10.32 -5.50 16.92
CA LEU A 256 10.66 -4.78 15.69
C LEU A 256 10.60 -3.31 16.09
N SER A 257 11.76 -2.79 16.52
CA SER A 257 11.85 -1.57 17.31
C SER A 257 13.32 -1.15 17.41
N THR A 258 13.52 0.11 17.83
CA THR A 258 14.84 0.58 18.21
C THR A 258 14.91 1.13 19.64
N ASN A 259 13.86 1.00 20.45
CA ASN A 259 13.89 1.53 21.81
C ASN A 259 14.37 0.42 22.74
N GLU A 260 15.69 0.31 22.87
CA GLU A 260 16.24 -0.83 23.59
C GLU A 260 15.86 -0.81 25.08
N GLU A 261 15.68 0.39 25.66
CA GLU A 261 15.29 0.50 27.07
C GLU A 261 13.88 -0.03 27.28
N GLU A 262 12.93 0.39 26.45
CA GLU A 262 11.56 -0.08 26.63
C GLU A 262 11.45 -1.57 26.28
N VAL A 263 12.20 -2.02 25.29
CA VAL A 263 12.14 -3.42 24.90
C VAL A 263 12.61 -4.32 26.03
N THR A 264 13.77 -4.00 26.62
CA THR A 264 14.29 -4.86 27.69
C THR A 264 13.41 -4.72 28.94
N LYS A 265 12.94 -3.51 29.22
CA LYS A 265 11.99 -3.31 30.32
C LYS A 265 10.77 -4.20 30.16
N PHE A 266 10.32 -4.41 28.91
CA PHE A 266 9.19 -5.28 28.65
C PHE A 266 9.55 -6.72 28.96
N GLY A 267 10.82 -7.08 28.83
CA GLY A 267 11.25 -8.42 29.10
C GLY A 267 11.89 -9.10 27.92
N ILE A 268 12.05 -8.35 26.83
CA ILE A 268 12.63 -8.89 25.60
C ILE A 268 14.13 -8.73 25.69
N ASP A 269 14.86 -9.77 25.34
CA ASP A 269 16.31 -9.68 25.20
C ASP A 269 16.68 -8.69 24.09
N LYS A 270 17.56 -7.74 24.40
CA LYS A 270 18.02 -6.75 23.42
C LYS A 270 18.63 -7.39 22.19
N LYS A 271 19.12 -8.63 22.29
CA LYS A 271 19.62 -9.34 21.12
CA LYS A 271 19.64 -9.31 21.11
C LYS A 271 18.52 -9.71 20.13
N ASN A 272 17.26 -9.63 20.56
CA ASN A 272 16.12 -9.95 19.72
C ASN A 272 15.33 -8.71 19.33
N MET A 273 15.99 -7.56 19.19
CA MET A 273 15.36 -6.45 18.50
C MET A 273 15.90 -6.34 17.09
N PHE A 274 14.98 -6.08 16.18
CA PHE A 274 15.23 -5.94 14.76
C PHE A 274 14.84 -4.50 14.44
N GLY A 275 15.83 -3.67 14.18
CA GLY A 275 15.60 -2.25 14.07
C GLY A 275 15.27 -1.80 12.67
N PHE A 276 14.58 -0.66 12.59
CA PHE A 276 14.40 0.02 11.33
C PHE A 276 14.50 1.51 11.57
N ALA A 277 14.95 2.22 10.54
CA ALA A 277 15.40 3.58 10.68
C ALA A 277 14.23 4.57 10.67
N SER A 278 14.53 5.77 11.17
CA SER A 278 13.55 6.86 11.16
C SER A 278 13.12 7.21 9.76
N TRP A 279 13.97 7.00 8.75
CA TRP A 279 13.65 7.33 7.37
C TRP A 279 12.87 6.21 6.65
N VAL A 280 12.38 5.23 7.39
CA VAL A 280 11.45 4.22 6.91
C VAL A 280 10.05 4.63 7.39
N GLY A 281 9.20 5.10 6.48
CA GLY A 281 7.82 5.37 6.87
C GLY A 281 7.04 4.08 7.08
N GLY A 282 6.11 4.12 8.05
CA GLY A 282 5.31 2.92 8.33
C GLY A 282 4.68 2.30 7.10
N ARG A 283 4.09 3.12 6.24
CA ARG A 283 3.42 2.61 5.04
C ARG A 283 4.39 2.22 3.93
N TYR A 284 5.68 2.38 4.18
CA TYR A 284 6.79 1.98 3.31
C TYR A 284 7.75 1.02 4.02
N SER A 285 7.26 0.28 5.03
CA SER A 285 8.15 -0.42 5.98
C SER A 285 8.16 -1.95 5.86
N VAL A 286 7.32 -2.55 5.02
CA VAL A 286 7.28 -4.01 4.95
C VAL A 286 8.62 -4.56 4.47
N TRP A 287 9.41 -3.73 3.78
CA TRP A 287 10.73 -4.07 3.28
C TRP A 287 11.79 -4.15 4.37
N SER A 288 11.48 -3.65 5.56
CA SER A 288 12.43 -3.50 6.64
C SER A 288 12.25 -4.64 7.64
N ALA A 289 12.79 -4.47 8.85
CA ALA A 289 12.52 -5.40 9.95
C ALA A 289 11.03 -5.68 10.13
N ILE A 290 10.16 -4.73 9.77
CA ILE A 290 8.72 -4.95 9.90
C ILE A 290 8.23 -6.16 9.09
N GLY A 291 8.97 -6.56 8.05
CA GLY A 291 8.69 -7.74 7.26
C GLY A 291 9.08 -9.06 7.89
N LEU A 292 9.48 -9.06 9.17
CA LEU A 292 10.00 -10.28 9.76
C LEU A 292 8.97 -11.40 9.74
N SER A 293 7.69 -11.06 9.97
CA SER A 293 6.66 -12.10 9.88
C SER A 293 6.58 -12.69 8.47
N VAL A 294 6.87 -11.89 7.45
CA VAL A 294 6.89 -12.41 6.08
C VAL A 294 8.01 -13.41 5.93
N ALA A 295 9.22 -13.01 6.31
CA ALA A 295 10.39 -13.88 6.19
C ALA A 295 10.22 -15.15 7.02
N LEU A 296 9.61 -15.05 8.19
CA LEU A 296 9.29 -16.24 8.98
C LEU A 296 8.40 -17.20 8.20
N TYR A 297 7.39 -16.68 7.53
CA TYR A 297 6.39 -17.50 6.88
C TYR A 297 6.89 -18.12 5.57
N ILE A 298 7.54 -17.34 4.73
CA ILE A 298 7.91 -17.82 3.41
C ILE A 298 9.39 -18.10 3.29
N GLY A 299 10.15 -17.86 4.36
CA GLY A 299 11.58 -18.07 4.35
C GLY A 299 12.33 -16.84 3.89
N PHE A 300 13.58 -16.72 4.38
CA PHE A 300 14.34 -15.51 4.08
C PHE A 300 14.66 -15.39 2.59
N ASP A 301 14.95 -16.49 1.90
CA ASP A 301 15.32 -16.37 0.49
CA ASP A 301 15.31 -16.36 0.49
C ASP A 301 14.17 -15.77 -0.32
N ASN A 302 12.93 -16.18 -0.02
CA ASN A 302 11.77 -15.60 -0.72
C ASN A 302 11.58 -14.13 -0.34
N PHE A 303 11.78 -13.77 0.93
CA PHE A 303 11.75 -12.36 1.32
C PHE A 303 12.78 -11.54 0.56
N HIS A 304 13.99 -12.07 0.41
CA HIS A 304 15.01 -11.34 -0.35
C HIS A 304 14.61 -11.18 -1.82
N GLN A 305 13.96 -12.20 -2.39
CA GLN A 305 13.46 -12.06 -3.76
C GLN A 305 12.39 -10.98 -3.85
N PHE A 306 11.53 -10.90 -2.84
CA PHE A 306 10.55 -9.81 -2.71
C PHE A 306 11.25 -8.46 -2.73
N LEU A 307 12.28 -8.27 -1.91
CA LEU A 307 13.12 -7.08 -1.98
C LEU A 307 13.66 -6.83 -3.38
N ALA A 308 14.18 -7.89 -4.01
CA ALA A 308 14.86 -7.69 -5.30
C ALA A 308 13.88 -7.29 -6.40
N GLY A 309 12.65 -7.78 -6.36
CA GLY A 309 11.68 -7.30 -7.33
C GLY A 309 11.40 -5.81 -7.19
N ALA A 310 11.26 -5.33 -5.95
CA ALA A 310 11.08 -3.90 -5.73
C ALA A 310 12.28 -3.13 -6.26
N HIS A 311 13.48 -3.69 -6.01
CA HIS A 311 14.71 -3.06 -6.51
C HIS A 311 14.72 -2.94 -8.03
N ALA A 312 14.23 -3.95 -8.74
CA ALA A 312 14.16 -3.85 -10.20
C ALA A 312 13.22 -2.75 -10.63
N MET A 313 12.09 -2.59 -9.93
CA MET A 313 11.19 -1.47 -10.19
C MET A 313 11.83 -0.13 -9.82
N ASP A 314 12.54 -0.04 -8.69
CA ASP A 314 13.28 1.17 -8.34
C ASP A 314 14.19 1.57 -9.50
N LYS A 315 14.93 0.61 -10.05
CA LYS A 315 15.83 0.89 -11.17
C LYS A 315 15.06 1.40 -12.38
N HIS A 316 13.95 0.76 -12.71
CA HIS A 316 13.14 1.24 -13.82
C HIS A 316 12.71 2.69 -13.57
N PHE A 317 12.22 2.96 -12.37
CA PHE A 317 11.74 4.31 -12.02
C PHE A 317 12.86 5.33 -12.15
N ARG A 318 14.05 4.95 -11.67
CA ARG A 318 15.19 5.86 -11.61
C ARG A 318 15.78 6.13 -13.00
N GLU A 319 15.82 5.12 -13.87
CA GLU A 319 16.57 5.22 -15.11
C GLU A 319 15.73 5.47 -16.36
N THR A 320 14.40 5.35 -16.31
CA THR A 320 13.65 5.37 -17.56
C THR A 320 13.21 6.78 -17.90
N PRO A 321 13.39 7.22 -19.15
CA PRO A 321 12.85 8.51 -19.56
C PRO A 321 11.37 8.56 -19.30
N LEU A 322 10.88 9.75 -18.95
CA LEU A 322 9.52 9.89 -18.47
C LEU A 322 8.49 9.30 -19.43
N GLU A 323 8.71 9.46 -20.74
CA GLU A 323 7.75 8.99 -21.72
C GLU A 323 7.49 7.48 -21.60
N GLN A 324 8.49 6.72 -21.15
CA GLN A 324 8.34 5.28 -21.04
C GLN A 324 8.32 4.78 -19.60
N ASN A 325 8.27 5.70 -18.65
CA ASN A 325 8.41 5.39 -17.23
C ASN A 325 7.04 5.01 -16.66
N ILE A 326 6.93 3.78 -16.21
CA ILE A 326 5.64 3.16 -15.91
C ILE A 326 4.98 3.78 -14.69
N PRO A 327 5.62 3.82 -13.52
CA PRO A 327 4.97 4.49 -12.36
C PRO A 327 4.71 5.95 -12.59
N VAL A 328 5.56 6.62 -13.37
CA VAL A 328 5.33 8.03 -13.64
C VAL A 328 4.05 8.21 -14.45
N LEU A 329 3.82 7.38 -15.46
CA LEU A 329 2.59 7.48 -16.23
C LEU A 329 1.38 7.17 -15.34
N GLY A 330 1.49 6.17 -14.46
CA GLY A 330 0.39 5.91 -13.55
C GLY A 330 0.06 7.11 -12.68
N GLY A 331 1.09 7.79 -12.18
CA GLY A 331 0.85 8.95 -11.32
C GLY A 331 0.24 10.11 -12.07
N LEU A 332 0.73 10.36 -13.28
CA LEU A 332 0.21 11.44 -14.10
C LEU A 332 -1.24 11.21 -14.49
N LEU A 333 -1.63 9.96 -14.76
CA LEU A 333 -3.03 9.68 -15.04
C LEU A 333 -3.90 10.01 -13.83
N SER A 334 -3.42 9.70 -12.64
CA SER A 334 -4.19 10.00 -11.44
C SER A 334 -4.41 11.51 -11.28
N VAL A 335 -3.35 12.30 -11.53
CA VAL A 335 -3.50 13.76 -11.51
C VAL A 335 -4.50 14.22 -12.57
N TRP A 336 -4.37 13.68 -13.79
CA TRP A 336 -5.25 14.04 -14.89
C TRP A 336 -6.71 13.81 -14.52
N TYR A 337 -7.04 12.59 -14.06
CA TYR A 337 -8.40 12.26 -13.67
C TYR A 337 -8.85 13.08 -12.47
N SER A 338 -8.01 13.17 -11.44
CA SER A 338 -8.38 13.86 -10.21
C SER A 338 -8.65 15.34 -10.45
N ASP A 339 -7.71 16.03 -11.11
CA ASP A 339 -7.73 17.49 -11.15
C ASP A 339 -8.37 18.08 -12.39
N PHE A 340 -8.53 17.31 -13.44
CA PHE A 340 -9.17 17.82 -14.65
C PHE A 340 -10.49 17.15 -14.99
N PHE A 341 -10.72 15.91 -14.56
CA PHE A 341 -12.00 15.25 -14.74
C PHE A 341 -12.82 15.18 -13.45
N GLY A 342 -12.26 15.61 -12.33
CA GLY A 342 -13.02 15.65 -11.08
C GLY A 342 -13.23 14.31 -10.38
N ALA A 343 -12.46 13.28 -10.73
CA ALA A 343 -12.63 11.98 -10.08
C ALA A 343 -12.08 11.99 -8.67
N GLN A 344 -12.93 11.72 -7.68
CA GLN A 344 -12.51 11.70 -6.29
C GLN A 344 -11.99 10.34 -5.84
N THR A 345 -12.14 9.29 -6.66
CA THR A 345 -11.76 7.93 -6.26
C THR A 345 -10.82 7.25 -7.25
N HIS A 346 -10.26 6.13 -6.78
CA HIS A 346 -9.34 5.32 -7.57
C HIS A 346 -9.57 3.87 -7.15
N LEU A 347 -10.07 3.04 -8.06
CA LEU A 347 -10.34 1.63 -7.80
C LEU A 347 -9.12 0.79 -8.16
N VAL A 348 -8.75 -0.13 -7.29
CA VAL A 348 -7.79 -1.17 -7.64
C VAL A 348 -8.43 -2.53 -7.36
N ALA A 349 -8.57 -3.35 -8.39
CA ALA A 349 -9.25 -4.64 -8.29
C ALA A 349 -8.31 -5.73 -8.81
N PRO A 350 -7.66 -6.49 -7.91
CA PRO A 350 -6.85 -7.63 -8.35
C PRO A 350 -7.74 -8.82 -8.66
N PHE A 351 -7.57 -9.37 -9.87
CA PHE A 351 -8.25 -10.60 -10.26
C PHE A 351 -7.41 -11.76 -9.73
N ASP A 352 -7.47 -11.90 -8.40
CA ASP A 352 -6.54 -12.73 -7.65
C ASP A 352 -6.95 -12.72 -6.18
N GLN A 353 -7.42 -13.88 -5.70
CA GLN A 353 -7.97 -13.95 -4.34
C GLN A 353 -6.88 -13.87 -3.28
N TYR A 354 -5.68 -14.39 -3.56
CA TYR A 354 -4.60 -14.25 -2.59
C TYR A 354 -4.27 -12.78 -2.34
N LEU A 355 -4.44 -11.94 -3.35
CA LEU A 355 -4.26 -10.52 -3.21
C LEU A 355 -5.46 -9.82 -2.61
N HIS A 356 -6.31 -10.53 -1.85
CA HIS A 356 -7.53 -9.88 -1.38
C HIS A 356 -7.26 -8.69 -0.46
N ARG A 357 -6.08 -8.58 0.17
CA ARG A 357 -5.82 -7.45 1.06
C ARG A 357 -4.91 -6.43 0.42
N PHE A 358 -4.69 -6.54 -0.90
CA PHE A 358 -3.85 -5.60 -1.66
C PHE A 358 -4.51 -4.24 -1.75
N PRO A 359 -5.81 -4.14 -2.02
CA PRO A 359 -6.41 -2.81 -2.01
C PRO A 359 -6.33 -2.12 -0.66
N ALA A 360 -6.55 -2.84 0.44
CA ALA A 360 -6.45 -2.19 1.74
C ALA A 360 -5.04 -1.70 2.03
N TYR A 361 -4.02 -2.41 1.54
CA TYR A 361 -2.64 -1.95 1.70
C TYR A 361 -2.40 -0.67 0.92
N LEU A 362 -2.84 -0.67 -0.34
CA LEU A 362 -2.67 0.50 -1.20
C LEU A 362 -3.45 1.69 -0.66
N GLN A 363 -4.52 1.42 0.05
CA GLN A 363 -5.33 2.50 0.58
C GLN A 363 -4.56 3.31 1.60
N GLN A 364 -3.78 2.67 2.46
CA GLN A 364 -2.91 3.41 3.36
C GLN A 364 -1.76 4.06 2.59
N LEU A 365 -1.09 3.30 1.74
CA LEU A 365 0.03 3.86 0.98
C LEU A 365 -0.40 5.15 0.28
N SER A 366 -1.54 5.09 -0.39
CA SER A 366 -1.96 6.20 -1.21
C SER A 366 -2.53 7.30 -0.36
N MET A 367 -3.49 6.97 0.51
CA MET A 367 -4.25 8.06 1.11
C MET A 367 -3.47 8.70 2.26
N GLU A 368 -2.69 7.93 3.01
CA GLU A 368 -1.92 8.56 4.08
C GLU A 368 -0.76 9.37 3.52
N SER A 369 -0.25 8.95 2.36
CA SER A 369 0.80 9.70 1.68
C SER A 369 0.27 11.02 1.15
N ASN A 370 -0.82 10.96 0.38
CA ASN A 370 -1.21 12.10 -0.45
C ASN A 370 -2.51 12.74 -0.02
N GLY A 371 -3.06 12.35 1.12
CA GLY A 371 -4.20 13.05 1.70
C GLY A 371 -3.73 14.28 2.43
N LYS A 372 -3.30 15.28 1.65
CA LYS A 372 -2.54 16.44 2.12
C LYS A 372 -3.03 17.68 1.41
N ALA A 373 -2.84 18.84 2.03
CA ALA A 373 -3.31 20.04 1.38
C ALA A 373 -2.33 21.21 1.47
N ILE A 374 -1.14 21.00 1.99
CA ILE A 374 -0.15 22.08 2.15
C ILE A 374 1.04 21.79 1.26
N THR A 375 1.40 22.76 0.43
CA THR A 375 2.54 22.62 -0.47
C THR A 375 3.88 22.76 0.27
N ARG A 376 4.96 22.46 -0.47
CA ARG A 376 6.30 22.67 0.07
C ARG A 376 6.50 24.12 0.50
N THR A 377 5.82 25.07 -0.15
CA THR A 377 5.93 26.48 0.18
C THR A 377 4.97 26.93 1.28
N GLY A 378 4.21 26.01 1.87
CA GLY A 378 3.34 26.30 2.97
C GLY A 378 1.98 26.83 2.59
N GLU A 379 1.58 26.74 1.34
CA GLU A 379 0.31 27.27 0.88
C GLU A 379 -0.73 26.17 0.84
N TYR A 380 -2.00 26.55 0.92
CA TYR A 380 -3.07 25.58 0.76
C TYR A 380 -3.29 25.33 -0.72
N VAL A 381 -3.32 24.04 -1.11
CA VAL A 381 -3.41 23.69 -2.51
C VAL A 381 -4.67 24.28 -3.14
N LYS A 382 -4.55 24.67 -4.39
CA LYS A 382 -5.65 25.19 -5.20
C LYS A 382 -6.24 24.12 -6.12
N TYR A 383 -6.11 22.84 -5.74
CA TYR A 383 -6.53 21.70 -6.55
C TYR A 383 -6.64 20.50 -5.62
N THR A 384 -7.42 19.50 -6.04
CA THR A 384 -7.59 18.34 -5.19
C THR A 384 -6.34 17.45 -5.26
N THR A 385 -6.06 16.77 -4.16
CA THR A 385 -4.91 15.87 -4.05
C THR A 385 -5.41 14.42 -3.98
N GLY A 386 -4.89 13.61 -3.07
CA GLY A 386 -5.09 12.18 -3.15
C GLY A 386 -6.54 11.75 -3.23
N PRO A 387 -6.85 10.80 -4.13
CA PRO A 387 -8.20 10.21 -4.18
C PRO A 387 -8.46 9.29 -3.00
N ILE A 388 -9.75 8.98 -2.80
CA ILE A 388 -10.12 7.81 -2.01
C ILE A 388 -9.78 6.58 -2.86
N LEU A 389 -8.84 5.78 -2.38
CA LEU A 389 -8.45 4.54 -3.05
C LEU A 389 -9.22 3.41 -2.38
N PHE A 390 -9.80 2.52 -3.19
CA PHE A 390 -10.61 1.44 -2.68
C PHE A 390 -10.56 0.26 -3.63
N GLY A 391 -11.04 -0.88 -3.15
CA GLY A 391 -11.22 -2.03 -4.01
C GLY A 391 -11.40 -3.31 -3.22
N GLU A 392 -11.73 -4.34 -3.96
CA GLU A 392 -11.85 -5.73 -3.52
C GLU A 392 -11.29 -6.58 -4.64
N PRO A 393 -10.85 -7.80 -4.34
CA PRO A 393 -10.52 -8.72 -5.46
C PRO A 393 -11.72 -9.00 -6.34
N ALA A 394 -11.44 -9.21 -7.63
CA ALA A 394 -12.39 -9.77 -8.58
C ALA A 394 -12.13 -11.28 -8.67
N THR A 395 -13.17 -12.06 -8.98
CA THR A 395 -14.46 -11.58 -9.45
C THR A 395 -15.43 -11.12 -8.36
N ASN A 396 -15.10 -11.30 -7.08
CA ASN A 396 -15.99 -10.85 -6.00
CA ASN A 396 -16.01 -10.87 -6.02
C ASN A 396 -16.45 -9.41 -6.23
N ALA A 397 -15.50 -8.52 -6.53
CA ALA A 397 -15.84 -7.10 -6.72
C ALA A 397 -16.91 -6.93 -7.80
N GLN A 398 -16.87 -7.76 -8.84
CA GLN A 398 -17.83 -7.65 -9.92
C GLN A 398 -19.25 -7.84 -9.41
N HIS A 399 -19.43 -8.77 -8.50
CA HIS A 399 -20.73 -9.11 -7.97
C HIS A 399 -21.13 -8.24 -6.81
N SER A 400 -20.27 -7.32 -6.39
CA SER A 400 -20.58 -6.44 -5.28
C SER A 400 -20.94 -5.05 -5.78
N PHE A 401 -20.04 -4.41 -6.53
CA PHE A 401 -20.26 -3.01 -6.87
C PHE A 401 -19.94 -2.66 -8.33
N PHE A 402 -19.60 -3.62 -9.19
CA PHE A 402 -19.34 -3.22 -10.57
C PHE A 402 -20.61 -2.70 -11.28
N GLN A 403 -21.80 -3.00 -10.75
CA GLN A 403 -23.01 -2.35 -11.25
C GLN A 403 -22.81 -0.84 -11.33
N LEU A 404 -22.31 -0.24 -10.24
CA LEU A 404 -22.10 1.21 -10.21
C LEU A 404 -20.98 1.61 -11.16
N LEU A 405 -19.93 0.81 -11.25
CA LEU A 405 -18.85 1.11 -12.20
C LEU A 405 -19.39 1.21 -13.64
N HIS A 406 -20.28 0.30 -14.01
CA HIS A 406 -20.78 0.24 -15.39
C HIS A 406 -21.92 1.21 -15.66
N GLN A 407 -22.80 1.46 -14.68
CA GLN A 407 -24.00 2.25 -14.91
C GLN A 407 -24.25 3.40 -13.93
N GLY A 408 -23.34 3.65 -12.99
CA GLY A 408 -23.49 4.75 -12.06
C GLY A 408 -23.10 6.09 -12.69
N THR A 409 -23.04 7.12 -11.84
CA THR A 409 -22.82 8.51 -12.30
C THR A 409 -21.48 9.07 -11.84
N LYS A 410 -20.49 8.21 -11.59
CA LYS A 410 -19.16 8.63 -11.20
C LYS A 410 -18.14 8.16 -12.24
N LEU A 411 -17.11 8.97 -12.42
CA LEU A 411 -15.89 8.57 -13.14
C LEU A 411 -14.96 7.93 -12.12
N ILE A 412 -14.62 6.66 -12.33
CA ILE A 412 -13.83 5.90 -11.37
C ILE A 412 -12.63 5.30 -12.08
N PRO A 413 -11.50 5.99 -12.12
CA PRO A 413 -10.29 5.40 -12.70
C PRO A 413 -9.99 4.07 -12.02
N SER A 414 -9.71 3.05 -12.81
CA SER A 414 -9.70 1.68 -12.31
C SER A 414 -8.45 0.96 -12.81
N ASP A 415 -7.81 0.22 -11.91
CA ASP A 415 -6.67 -0.63 -12.21
C ASP A 415 -7.11 -2.07 -11.99
N PHE A 416 -6.97 -2.89 -13.03
CA PHE A 416 -7.21 -4.33 -12.96
C PHE A 416 -5.86 -5.04 -13.06
N ILE A 417 -5.63 -6.02 -12.20
CA ILE A 417 -4.37 -6.74 -12.03
C ILE A 417 -4.64 -8.24 -12.02
N MET A 418 -3.91 -8.99 -12.85
CA MET A 418 -3.97 -10.44 -12.88
C MET A 418 -2.63 -11.05 -13.21
N ALA A 419 -2.40 -12.27 -12.71
CA ALA A 419 -1.35 -13.16 -13.18
C ALA A 419 -1.89 -14.11 -14.23
N ALA A 420 -1.08 -14.37 -15.26
CA ALA A 420 -1.45 -15.32 -16.30
C ALA A 420 -1.51 -16.76 -15.78
N GLU A 421 -0.69 -17.08 -14.78
CA GLU A 421 -0.68 -18.40 -14.15
C GLU A 421 -1.14 -18.37 -12.70
N SER A 422 -1.88 -19.39 -12.33
CA SER A 422 -2.34 -19.61 -10.96
C SER A 422 -1.39 -20.53 -10.23
N HIS A 423 -1.20 -20.27 -8.94
CA HIS A 423 -0.59 -21.27 -8.08
C HIS A 423 -1.52 -22.45 -7.83
N ASN A 424 -2.81 -22.36 -8.17
CA ASN A 424 -3.78 -23.41 -7.87
C ASN A 424 -4.62 -23.68 -9.11
N PRO A 425 -4.02 -24.25 -10.16
CA PRO A 425 -4.71 -24.42 -11.45
C PRO A 425 -5.80 -25.49 -11.45
N VAL A 426 -6.79 -25.29 -10.59
CA VAL A 426 -7.82 -26.30 -10.36
C VAL A 426 -8.48 -26.69 -11.67
N GLU A 427 -8.77 -28.00 -11.81
CA GLU A 427 -9.64 -28.51 -12.88
C GLU A 427 -9.06 -28.16 -14.25
N GLY A 428 -7.78 -28.51 -14.44
CA GLY A 428 -7.17 -28.37 -15.76
C GLY A 428 -7.16 -26.94 -16.25
N GLY A 429 -6.99 -25.97 -15.34
CA GLY A 429 -6.99 -24.55 -15.69
C GLY A 429 -8.34 -23.92 -15.98
N LYS A 430 -9.46 -24.62 -15.81
CA LYS A 430 -10.77 -24.03 -16.12
C LYS A 430 -11.06 -22.79 -15.25
N HIS A 431 -10.79 -22.88 -13.94
CA HIS A 431 -11.03 -21.73 -13.05
C HIS A 431 -10.23 -20.52 -13.53
N GLN A 432 -8.98 -20.77 -13.92
CA GLN A 432 -8.09 -19.68 -14.31
C GLN A 432 -8.45 -19.11 -15.68
N ARG A 433 -8.90 -19.94 -16.63
CA ARG A 433 -9.38 -19.40 -17.89
C ARG A 433 -10.61 -18.54 -17.68
N MET A 434 -11.50 -18.95 -16.76
CA MET A 434 -12.68 -18.15 -16.47
C MET A 434 -12.29 -16.84 -15.78
N LEU A 435 -11.39 -16.92 -14.80
CA LEU A 435 -10.88 -15.70 -14.16
C LEU A 435 -10.33 -14.75 -15.20
N ALA A 436 -9.51 -15.28 -16.11
CA ALA A 436 -8.91 -14.46 -17.16
C ALA A 436 -9.96 -13.84 -18.06
N SER A 437 -11.03 -14.59 -18.36
CA SER A 437 -12.05 -14.08 -19.27
C SER A 437 -12.74 -12.86 -18.66
N ASN A 438 -12.90 -12.84 -17.33
CA ASN A 438 -13.48 -11.68 -16.64
C ASN A 438 -12.52 -10.50 -16.61
N PHE A 439 -11.23 -10.76 -16.33
CA PHE A 439 -10.21 -9.71 -16.38
C PHE A 439 -10.24 -8.99 -17.71
N LEU A 440 -10.29 -9.76 -18.80
CA LEU A 440 -10.26 -9.18 -20.13
C LEU A 440 -11.59 -8.51 -20.47
N ALA A 441 -12.71 -9.18 -20.15
CA ALA A 441 -14.03 -8.68 -20.54
C ALA A 441 -14.44 -7.45 -19.73
N GLN A 442 -14.04 -7.36 -18.46
CA GLN A 442 -14.48 -6.19 -17.70
C GLN A 442 -13.92 -4.89 -18.29
N SER A 443 -12.62 -4.86 -18.62
CA SER A 443 -12.09 -3.64 -19.22
C SER A 443 -12.69 -3.41 -20.60
N GLU A 444 -12.88 -4.48 -21.38
CA GLU A 444 -13.54 -4.33 -22.68
C GLU A 444 -14.92 -3.72 -22.52
N ALA A 445 -15.73 -4.32 -21.65
CA ALA A 445 -17.10 -3.86 -21.44
C ALA A 445 -17.15 -2.40 -21.00
N LEU A 446 -16.30 -2.02 -20.05
CA LEU A 446 -16.30 -0.64 -19.58
C LEU A 446 -15.91 0.32 -20.70
N MET A 447 -15.07 -0.13 -21.63
CA MET A 447 -14.66 0.74 -22.74
C MET A 447 -15.75 0.82 -23.82
N VAL A 448 -16.22 -0.32 -24.33
CA VAL A 448 -17.09 -0.28 -25.50
C VAL A 448 -18.57 -0.08 -25.15
N GLY A 449 -19.00 -0.45 -23.94
CA GLY A 449 -20.40 -0.33 -23.59
C GLY A 449 -21.29 -1.15 -24.51
N LYS A 450 -22.54 -0.72 -24.62
CA LYS A 450 -23.54 -1.41 -25.42
C LYS A 450 -24.59 -0.39 -25.82
N THR A 451 -24.70 -0.11 -27.11
CA THR A 451 -25.55 0.98 -27.54
C THR A 451 -27.02 0.60 -27.46
N PRO A 452 -27.91 1.59 -27.40
CA PRO A 452 -29.34 1.30 -27.42
C PRO A 452 -29.75 0.46 -28.60
N GLU A 453 -29.08 0.65 -29.72
CA GLU A 453 -29.32 -0.12 -30.92
C GLU A 453 -28.94 -1.60 -30.73
N GLN A 454 -27.77 -1.89 -30.14
CA GLN A 454 -27.45 -3.28 -29.82
C GLN A 454 -28.46 -3.87 -28.85
N VAL A 455 -28.89 -3.08 -27.88
CA VAL A 455 -29.82 -3.59 -26.88
C VAL A 455 -31.11 -3.98 -27.55
N LYS A 456 -31.63 -3.11 -28.41
CA LYS A 456 -32.90 -3.41 -29.05
C LYS A 456 -32.76 -4.58 -30.01
N THR A 457 -31.63 -4.66 -30.71
CA THR A 457 -31.34 -5.81 -31.56
C THR A 457 -31.43 -7.12 -30.80
N GLU A 458 -31.12 -7.15 -29.52
CA GLU A 458 -31.16 -8.39 -28.78
C GLU A 458 -32.55 -8.70 -28.24
N GLY A 459 -33.55 -7.87 -28.54
CA GLY A 459 -34.94 -8.17 -28.18
C GLY A 459 -35.48 -7.52 -26.92
N ALA A 460 -34.78 -6.55 -26.36
CA ALA A 460 -35.25 -5.92 -25.15
C ALA A 460 -36.54 -5.18 -25.43
N PRO A 461 -37.49 -5.19 -24.50
CA PRO A 461 -38.61 -4.25 -24.59
C PRO A 461 -38.11 -2.84 -24.85
N ASP A 462 -38.80 -2.16 -25.76
CA ASP A 462 -38.34 -0.84 -26.11
C ASP A 462 -38.21 0.04 -24.88
N ASN A 463 -39.11 -0.11 -23.91
CA ASN A 463 -39.10 0.81 -22.79
C ASN A 463 -38.20 0.33 -21.66
N LEU A 464 -37.43 -0.74 -21.87
CA LEU A 464 -36.32 -1.12 -20.98
C LEU A 464 -34.97 -0.79 -21.60
N VAL A 465 -34.94 -0.31 -22.84
CA VAL A 465 -33.67 -0.06 -23.50
C VAL A 465 -32.75 0.84 -22.67
N PRO A 466 -33.21 1.96 -22.11
CA PRO A 466 -32.27 2.78 -21.33
C PRO A 466 -31.66 2.06 -20.14
N HIS A 467 -32.42 1.17 -19.50
CA HIS A 467 -31.97 0.45 -18.32
C HIS A 467 -30.89 -0.55 -18.66
N LYS A 468 -30.87 -1.05 -19.90
CA LYS A 468 -29.93 -2.08 -20.34
C LYS A 468 -28.82 -1.51 -21.20
N THR A 469 -28.82 -0.20 -21.40
CA THR A 469 -27.78 0.46 -22.17
C THR A 469 -26.56 0.63 -21.29
N PHE A 470 -25.38 0.47 -21.88
CA PHE A 470 -24.11 0.74 -21.21
C PHE A 470 -23.42 1.85 -22.02
N LEU A 471 -23.25 3.01 -21.41
CA LEU A 471 -22.64 4.13 -22.11
C LEU A 471 -21.20 3.85 -22.47
N GLY A 472 -20.54 2.96 -21.74
CA GLY A 472 -19.12 2.78 -22.00
C GLY A 472 -18.29 4.04 -21.76
N ASN A 473 -17.14 4.08 -22.41
CA ASN A 473 -16.15 5.17 -22.26
C ASN A 473 -15.66 5.32 -20.82
N ARG A 474 -15.57 4.20 -20.09
CA ARG A 474 -15.14 4.20 -18.70
C ARG A 474 -13.72 3.62 -18.64
N PRO A 475 -12.72 4.42 -18.26
CA PRO A 475 -11.33 4.03 -18.49
C PRO A 475 -10.84 3.00 -17.50
N THR A 476 -9.84 2.23 -17.94
CA THR A 476 -9.19 1.26 -17.08
C THR A 476 -7.73 1.18 -17.45
N THR A 477 -6.94 0.67 -16.50
CA THR A 477 -5.55 0.25 -16.70
C THR A 477 -5.50 -1.23 -16.38
N SER A 478 -4.89 -2.03 -17.26
CA SER A 478 -4.77 -3.48 -17.08
C SER A 478 -3.32 -3.87 -16.89
N ILE A 479 -3.05 -4.64 -15.84
CA ILE A 479 -1.70 -5.05 -15.48
C ILE A 479 -1.69 -6.57 -15.46
N LEU A 480 -0.93 -7.18 -16.38
CA LEU A 480 -0.89 -8.63 -16.57
C LEU A 480 0.50 -9.11 -16.23
N ALA A 481 0.63 -9.79 -15.09
CA ALA A 481 1.90 -10.41 -14.69
C ALA A 481 1.94 -11.86 -15.14
N GLN A 482 3.12 -12.48 -15.02
CA GLN A 482 3.24 -13.89 -15.36
C GLN A 482 2.64 -14.75 -14.27
N LYS A 483 3.06 -14.49 -13.05
CA LYS A 483 2.70 -15.26 -11.88
C LYS A 483 3.06 -14.40 -10.69
N ILE A 484 2.27 -14.50 -9.63
CA ILE A 484 2.55 -13.69 -8.44
C ILE A 484 3.58 -14.43 -7.58
N THR A 485 4.84 -14.24 -7.90
CA THR A 485 5.96 -14.74 -7.13
C THR A 485 6.34 -13.67 -6.11
N PRO A 486 7.31 -13.93 -5.24
CA PRO A 486 7.74 -12.88 -4.31
C PRO A 486 8.28 -11.65 -5.03
N SER A 487 9.10 -11.83 -6.07
CA SER A 487 9.69 -10.68 -6.74
C SER A 487 8.65 -9.90 -7.55
N THR A 488 7.69 -10.60 -8.16
CA THR A 488 6.67 -9.90 -8.93
C THR A 488 5.80 -9.08 -8.00
N LEU A 489 5.49 -9.60 -6.81
CA LEU A 489 4.74 -8.79 -5.85
C LEU A 489 5.54 -7.58 -5.41
N GLY A 490 6.83 -7.76 -5.11
CA GLY A 490 7.66 -6.63 -4.76
C GLY A 490 7.66 -5.57 -5.84
N ALA A 491 7.76 -5.97 -7.09
CA ALA A 491 7.71 -4.99 -8.18
C ALA A 491 6.35 -4.30 -8.24
N LEU A 492 5.26 -5.03 -8.01
CA LEU A 492 3.94 -4.40 -8.06
C LEU A 492 3.76 -3.38 -6.95
N ILE A 493 4.19 -3.68 -5.72
CA ILE A 493 4.07 -2.68 -4.66
C ILE A 493 4.89 -1.45 -5.01
N ALA A 494 6.14 -1.66 -5.47
CA ALA A 494 7.00 -0.54 -5.79
C ALA A 494 6.42 0.33 -6.88
N TYR A 495 5.74 -0.28 -7.86
CA TYR A 495 4.99 0.48 -8.86
C TYR A 495 4.09 1.49 -8.17
N TYR A 496 3.28 1.02 -7.20
CA TYR A 496 2.33 1.91 -6.55
C TYR A 496 3.03 2.88 -5.62
N GLU A 497 4.18 2.49 -5.02
CA GLU A 497 4.93 3.46 -4.24
C GLU A 497 5.40 4.62 -5.11
N HIS A 498 5.88 4.33 -6.31
CA HIS A 498 6.44 5.38 -7.15
C HIS A 498 5.38 6.13 -7.93
N LEU A 499 4.24 5.49 -8.20
CA LEU A 499 3.02 6.20 -8.62
C LEU A 499 2.64 7.23 -7.57
N THR A 500 2.58 6.81 -6.31
CA THR A 500 2.24 7.70 -5.22
C THR A 500 3.27 8.83 -5.10
N PHE A 501 4.54 8.51 -5.33
CA PHE A 501 5.59 9.53 -5.32
C PHE A 501 5.33 10.58 -6.38
N THR A 502 4.98 10.12 -7.57
CA THR A 502 4.79 11.01 -8.72
C THR A 502 3.63 11.95 -8.48
N GLU A 503 2.51 11.44 -7.95
CA GLU A 503 1.37 12.27 -7.60
C GLU A 503 1.79 13.40 -6.65
N GLY A 504 2.46 13.05 -5.56
CA GLY A 504 2.83 14.06 -4.58
C GLY A 504 3.84 15.05 -5.11
N ALA A 505 4.71 14.60 -6.03
CA ALA A 505 5.68 15.52 -6.61
C ALA A 505 5.00 16.56 -7.49
N VAL A 506 4.03 16.11 -8.29
CA VAL A 506 3.26 17.04 -9.11
C VAL A 506 2.42 17.97 -8.23
N TRP A 507 1.78 17.42 -7.20
CA TRP A 507 0.95 18.24 -6.33
C TRP A 507 1.76 19.16 -5.43
N ASN A 508 3.05 18.87 -5.26
CA ASN A 508 3.96 19.66 -4.43
C ASN A 508 3.65 19.52 -2.96
N ILE A 509 3.19 18.33 -2.55
CA ILE A 509 2.88 18.03 -1.17
C ILE A 509 3.93 17.05 -0.64
N ASN A 510 3.87 16.81 0.67
CA ASN A 510 4.75 15.87 1.35
C ASN A 510 4.06 14.50 1.41
N SER A 511 4.53 13.55 0.60
CA SER A 511 3.97 12.21 0.58
C SER A 511 4.40 11.40 1.80
N PHE A 512 5.27 11.95 2.66
CA PHE A 512 6.00 11.14 3.62
C PHE A 512 5.80 11.53 5.08
N ASP A 513 5.01 12.56 5.39
CA ASP A 513 4.62 12.86 6.75
C ASP A 513 3.19 12.39 6.99
N GLN A 514 2.71 12.60 8.20
CA GLN A 514 1.33 12.26 8.54
C GLN A 514 0.92 13.01 9.81
N TRP A 515 1.00 14.34 9.74
CA TRP A 515 0.60 15.19 10.86
C TRP A 515 -0.87 15.09 11.15
N GLY A 516 -1.66 14.64 10.17
CA GLY A 516 -3.10 14.56 10.28
C GLY A 516 -3.61 13.51 11.22
N VAL A 517 -2.75 12.63 11.74
CA VAL A 517 -3.21 11.65 12.70
C VAL A 517 -3.11 12.11 14.15
N GLU A 518 -2.50 13.26 14.41
CA GLU A 518 -2.17 13.57 15.79
C GLU A 518 -3.34 14.14 16.57
N LEU A 519 -4.25 14.89 15.95
CA LEU A 519 -5.36 15.47 16.74
C LEU A 519 -6.24 14.37 17.33
N GLY A 520 -6.51 13.33 16.56
CA GLY A 520 -7.34 12.24 17.08
C GLY A 520 -6.69 11.55 18.26
N LYS A 521 -5.38 11.37 18.21
CA LYS A 521 -4.67 10.72 19.31
C LYS A 521 -4.73 11.56 20.58
N VAL A 522 -4.51 12.87 20.46
CA VAL A 522 -4.51 13.75 21.62
C VAL A 522 -5.89 13.79 22.24
N LEU A 523 -6.92 13.96 21.41
CA LEU A 523 -8.28 14.06 21.94
C LEU A 523 -8.74 12.71 22.51
N ALA A 524 -8.24 11.59 21.98
CA ALA A 524 -8.64 10.29 22.51
C ALA A 524 -8.02 10.05 23.90
N LYS A 525 -6.76 10.39 24.06
CA LYS A 525 -6.13 10.24 25.37
C LYS A 525 -6.87 11.08 26.41
N LYS A 526 -7.26 12.31 26.06
CA LYS A 526 -8.00 13.14 26.99
C LYS A 526 -9.31 12.47 27.37
N ILE A 527 -10.03 11.94 26.36
CA ILE A 527 -11.33 11.36 26.62
C ILE A 527 -11.14 10.09 27.41
N GLN A 528 -10.06 9.36 27.16
CA GLN A 528 -9.82 8.14 27.93
C GLN A 528 -9.68 8.45 29.42
N LYS A 529 -8.94 9.50 29.78
CA LYS A 529 -8.84 9.91 31.18
C LYS A 529 -10.21 10.29 31.73
N GLU A 530 -11.04 10.98 30.94
CA GLU A 530 -12.38 11.32 31.39
C GLU A 530 -13.23 10.08 31.65
N LEU A 531 -13.12 9.06 30.79
CA LEU A 531 -13.86 7.84 31.02
C LEU A 531 -13.42 7.17 32.32
N GLU A 532 -12.16 7.33 32.67
CA GLU A 532 -11.62 6.73 33.88
C GLU A 532 -11.86 7.59 35.12
N THR A 533 -12.53 8.73 34.98
CA THR A 533 -12.66 9.71 36.06
C THR A 533 -14.12 9.95 36.37
N PRO A 534 -14.61 9.52 37.54
CA PRO A 534 -16.00 9.77 37.91
C PRO A 534 -16.38 11.24 37.79
N GLY A 535 -17.52 11.49 37.16
CA GLY A 535 -18.06 12.81 37.00
C GLY A 535 -17.46 13.66 35.89
N ALA A 536 -16.42 13.21 35.21
CA ALA A 536 -15.80 14.01 34.16
C ALA A 536 -16.36 13.64 32.78
N GLY A 537 -16.19 14.58 31.84
CA GLY A 537 -16.59 14.36 30.46
C GLY A 537 -17.46 15.42 29.86
N GLY A 538 -17.69 16.51 30.59
CA GLY A 538 -18.57 17.54 30.09
C GLY A 538 -17.90 18.62 29.28
N ASP A 539 -16.57 18.64 29.22
CA ASP A 539 -15.85 19.72 28.52
C ASP A 539 -15.65 19.37 27.04
N HIS A 540 -16.77 19.36 26.34
CA HIS A 540 -16.80 19.11 24.90
C HIS A 540 -18.02 19.80 24.29
N ASP A 541 -18.04 19.85 22.97
CA ASP A 541 -19.26 20.24 22.27
C ASP A 541 -20.40 19.33 22.68
N ALA A 542 -21.63 19.77 22.37
CA ALA A 542 -22.80 19.08 22.87
C ALA A 542 -22.93 17.67 22.30
N SER A 543 -22.44 17.42 21.08
CA SER A 543 -22.54 16.07 20.50
C SER A 543 -21.57 15.11 21.17
N THR A 544 -20.30 15.48 21.20
CA THR A 544 -19.31 14.65 21.89
C THR A 544 -19.68 14.43 23.34
N SER A 545 -20.18 15.47 24.03
CA SER A 545 -20.61 15.31 25.42
C SER A 545 -21.78 14.34 25.53
N GLY A 546 -22.76 14.45 24.64
CA GLY A 546 -23.91 13.56 24.70
C GLY A 546 -23.53 12.14 24.41
N LEU A 547 -22.61 11.93 23.46
CA LEU A 547 -22.18 10.57 23.16
C LEU A 547 -21.37 9.99 24.32
N LEU A 548 -20.52 10.81 24.92
CA LEU A 548 -19.69 10.37 26.02
C LEU A 548 -20.55 9.99 27.22
N LEU A 549 -21.57 10.80 27.50
CA LEU A 549 -22.51 10.48 28.57
C LEU A 549 -23.29 9.21 28.27
N ALA A 550 -23.83 9.10 27.05
CA ALA A 550 -24.53 7.87 26.67
C ALA A 550 -23.61 6.67 26.84
N PHE A 551 -22.36 6.81 26.43
CA PHE A 551 -21.44 5.70 26.58
C PHE A 551 -21.22 5.38 28.06
N LYS A 552 -20.96 6.39 28.88
CA LYS A 552 -20.77 6.11 30.31
C LYS A 552 -21.99 5.40 30.89
N LYS A 553 -23.20 5.82 30.51
CA LYS A 553 -24.40 5.18 31.03
C LYS A 553 -24.50 3.73 30.57
N LYS A 554 -24.31 3.49 29.26
CA LYS A 554 -24.43 2.14 28.73
C LYS A 554 -23.31 1.23 29.21
N ALA A 555 -22.16 1.78 29.51
CA ALA A 555 -21.01 0.98 29.91
C ALA A 555 -20.81 0.97 31.42
N ASN A 556 -21.71 1.59 32.18
CA ASN A 556 -21.64 1.59 33.64
C ASN A 556 -20.36 2.25 34.16
N LEU A 557 -20.16 3.50 33.76
CA LEU A 557 -19.06 4.31 34.25
C LEU A 557 -19.64 5.53 34.94
N ALA A 558 -19.03 5.91 36.06
CA ALA A 558 -19.37 7.14 36.75
C ALA A 558 -18.75 8.32 36.00
#